data_8EOH
#
_entry.id   8EOH
#
_cell.length_a   62.127
_cell.length_b   90.124
_cell.length_c   103.018
_cell.angle_alpha   90.000
_cell.angle_beta   90.000
_cell.angle_gamma   90.000
#
_symmetry.space_group_name_H-M   'P 21 21 21'
#
loop_
_entity.id
_entity.type
_entity.pdbx_description
1 polymer '7-alpha-hydroxycholest-4-en-3-one 12-alpha-hydroxylase'
2 non-polymer 'PROTOPORPHYRIN IX CONTAINING FE'
3 non-polymer 12-(pyridin-3-yl)-8alpha,10alpha,13alpha,14beta-androsta-4,11-diene-3,17-dione
4 water water
#
_entity_poly.entity_id   1
_entity_poly.type   'polypeptide(L)'
_entity_poly.pdbx_seq_one_letter_code
;MAKKTSSRQRRPWEPPLDKGTVPWLGHAMAFRKNMFEFLKRMRTKHGDVFTVQLGGQYFTFVMDPLSFGSILKDTQRKLD
FGQYAKKLVLKVFGYRSVQGDHEMIHSASTKHLRGDGLKDLNETMLDSLSFVMLTSKGWSLDASCWHEDSLFRFCYYILF
TAGYLSLFGYTKDKEQDLLQAGELFMEFRKFDLLFPRFVYSLLWPREWLEVGRLQRLFHKMLSVSHSQEKEGISNWLGNM
LQFLREQGVPSAMQDKFNFMMLWASQGNTGPTSFWALLYLLKHPEAIRAVREEATQVLGEARLETKQSFAFKLGALQHTP
VLDSVVEETLRLRAAPTLLRLVHEDYTLKMSSGQEYLFRHGDILALFPYLSVHMDPDIHPEPTVFKYDRFLNPNGSRKVD
FFKTGKKIHHYTMPWGSGVSICPGRFFALSEVKLFILLMVTHFDLELVDPDTPLPHVDPQRWGFGTMQPSHDVRFRYRLH
PTEHHHHHH
;
_entity_poly.pdbx_strand_id   A
#
loop_
_chem_comp.id
_chem_comp.type
_chem_comp.name
_chem_comp.formula
HEM non-polymer 'PROTOPORPHYRIN IX CONTAINING FE' 'C34 H32 Fe N4 O4'
WOL non-polymer 12-(pyridin-3-yl)-8alpha,10alpha,13alpha,14beta-androsta-4,11-diene-3,17-dione 'C24 H27 N O2'
#
# COMPACT_ATOMS: atom_id res chain seq x y z
N ARG A 8 14.78 25.82 -18.22
CA ARG A 8 13.84 26.37 -17.24
C ARG A 8 14.56 27.34 -16.31
N GLN A 9 13.88 28.42 -15.98
CA GLN A 9 14.43 29.43 -15.11
C GLN A 9 13.44 29.75 -14.01
N ARG A 10 13.90 29.93 -12.79
CA ARG A 10 13.01 30.21 -11.71
C ARG A 10 12.50 31.63 -11.78
N ARG A 11 11.24 31.86 -11.46
CA ARG A 11 10.70 33.20 -11.45
C ARG A 11 10.51 33.62 -9.99
N PRO A 12 10.45 34.93 -9.70
CA PRO A 12 10.33 35.36 -8.30
C PRO A 12 9.22 34.74 -7.49
N TRP A 13 8.06 34.60 -8.06
CA TRP A 13 6.95 33.93 -7.41
C TRP A 13 6.99 32.40 -7.38
N GLU A 14 8.01 31.71 -7.89
CA GLU A 14 7.99 30.28 -7.85
C GLU A 14 8.80 29.78 -6.69
N PRO A 15 8.66 28.50 -6.34
CA PRO A 15 9.45 28.00 -5.23
C PRO A 15 10.87 27.68 -5.62
N PRO A 16 11.71 27.41 -4.65
CA PRO A 16 13.09 27.21 -5.05
C PRO A 16 13.32 26.11 -6.06
N LEU A 17 14.16 26.30 -7.04
CA LEU A 17 14.42 25.29 -8.02
C LEU A 17 15.84 24.83 -7.88
N ASP A 18 16.08 23.57 -7.54
CA ASP A 18 17.41 23.08 -7.38
C ASP A 18 17.71 22.19 -8.55
N LYS A 19 18.62 22.60 -9.42
CA LYS A 19 19.00 21.80 -10.54
C LYS A 19 20.13 20.81 -10.33
N GLY A 20 20.77 20.74 -9.17
CA GLY A 20 21.80 19.79 -8.99
C GLY A 20 23.15 20.40 -9.12
N THR A 21 24.12 19.74 -8.54
CA THR A 21 25.51 20.16 -8.66
C THR A 21 26.13 19.74 -9.98
N VAL A 22 25.73 18.58 -10.51
CA VAL A 22 26.05 18.20 -11.89
C VAL A 22 24.81 18.54 -12.71
N PRO A 23 24.64 19.80 -13.13
CA PRO A 23 23.30 20.25 -13.57
C PRO A 23 22.62 19.34 -14.57
N TRP A 24 23.38 18.65 -15.43
CA TRP A 24 22.77 17.79 -16.44
C TRP A 24 22.46 16.39 -15.94
N LEU A 25 22.79 16.08 -14.68
CA LEU A 25 22.37 14.81 -14.08
C LEU A 25 21.23 14.99 -13.09
N GLY A 26 21.08 16.18 -12.51
CA GLY A 26 19.98 16.42 -11.60
C GLY A 26 20.09 15.60 -10.32
N HIS A 27 18.94 15.38 -9.69
CA HIS A 27 18.87 14.73 -8.39
C HIS A 27 18.35 13.31 -8.46
N ALA A 28 18.17 12.76 -9.67
CA ALA A 28 17.52 11.45 -9.79
C ALA A 28 18.22 10.40 -8.94
N MET A 29 19.55 10.44 -8.90
CA MET A 29 20.32 9.36 -8.29
C MET A 29 20.18 9.36 -6.77
N ALA A 30 20.30 10.50 -6.17
CA ALA A 30 20.08 10.62 -4.78
C ALA A 30 18.63 10.39 -4.44
N PHE A 31 17.69 10.85 -5.24
CA PHE A 31 16.29 10.59 -5.04
C PHE A 31 15.92 9.14 -5.01
N ARG A 32 16.37 8.40 -5.99
CA ARG A 32 16.12 7.01 -6.04
C ARG A 32 16.78 6.21 -4.96
N LYS A 33 17.99 6.52 -4.55
CA LYS A 33 18.62 5.73 -3.53
C LYS A 33 17.85 5.76 -2.24
N ASN A 34 17.45 6.92 -1.79
CA ASN A 34 16.65 6.98 -0.62
C ASN A 34 15.77 8.18 -0.71
N MET A 35 14.55 8.04 -1.15
CA MET A 35 13.66 9.16 -1.25
C MET A 35 13.34 9.83 0.05
N PHE A 36 13.13 9.13 1.13
CA PHE A 36 12.81 9.73 2.38
C PHE A 36 13.90 10.60 2.89
N GLU A 37 15.09 10.07 2.93
CA GLU A 37 16.25 10.87 3.32
C GLU A 37 16.45 12.07 2.39
N PHE A 38 16.41 11.84 1.08
CA PHE A 38 16.57 12.91 0.09
C PHE A 38 15.62 14.08 0.38
N LEU A 39 14.33 13.79 0.46
CA LEU A 39 13.35 14.82 0.78
C LEU A 39 13.61 15.44 2.14
N LYS A 40 14.11 14.66 3.10
CA LYS A 40 14.45 15.21 4.41
C LYS A 40 15.57 16.24 4.31
N ARG A 41 16.52 16.01 3.41
CA ARG A 41 17.64 16.94 3.27
C ARG A 41 17.24 18.18 2.48
N MET A 42 16.42 18.00 1.44
CA MET A 42 15.95 19.16 0.68
C MET A 42 15.07 20.06 1.53
N ARG A 43 14.30 19.49 2.46
CA ARG A 43 13.42 20.29 3.29
C ARG A 43 14.21 21.25 4.16
N THR A 44 15.24 20.74 4.84
CA THR A 44 16.04 21.60 5.70
C THR A 44 16.93 22.56 4.90
N LYS A 45 17.11 22.32 3.60
CA LYS A 45 17.88 23.21 2.75
C LYS A 45 17.00 24.35 2.24
N HIS A 46 15.91 24.00 1.52
CA HIS A 46 15.05 24.99 0.91
C HIS A 46 13.78 25.28 1.70
N GLY A 47 13.39 24.41 2.61
CA GLY A 47 12.14 24.57 3.32
C GLY A 47 11.06 23.63 2.81
N ASP A 48 9.82 24.02 3.11
CA ASP A 48 8.68 23.12 2.91
C ASP A 48 8.25 22.99 1.45
N VAL A 49 8.83 23.75 0.53
CA VAL A 49 8.43 23.67 -0.88
C VAL A 49 9.65 23.92 -1.75
N PHE A 50 9.81 23.09 -2.79
CA PHE A 50 10.93 23.19 -3.70
C PHE A 50 10.61 22.39 -4.95
N THR A 51 11.40 22.64 -6.00
CA THR A 51 11.21 22.01 -7.29
C THR A 51 12.49 21.30 -7.72
N VAL A 52 12.34 20.10 -8.27
CA VAL A 52 13.45 19.32 -8.80
C VAL A 52 12.97 18.58 -10.04
N GLN A 53 13.88 18.41 -11.00
CA GLN A 53 13.58 17.60 -12.18
C GLN A 53 13.93 16.14 -11.89
N LEU A 54 12.98 15.25 -12.12
CA LEU A 54 13.17 13.82 -11.94
C LEU A 54 12.57 13.11 -13.14
N GLY A 55 13.32 12.16 -13.70
CA GLY A 55 12.87 11.56 -14.95
C GLY A 55 12.65 12.64 -15.98
N GLY A 56 11.46 12.63 -16.59
CA GLY A 56 11.14 13.63 -17.58
C GLY A 56 10.63 14.92 -16.98
N GLN A 57 9.80 14.82 -15.95
CA GLN A 57 8.99 15.95 -15.51
C GLN A 57 9.74 16.81 -14.49
N TYR A 58 9.07 17.89 -14.09
CA TYR A 58 9.48 18.73 -12.99
C TYR A 58 8.54 18.45 -11.81
N PHE A 59 9.12 18.19 -10.63
CA PHE A 59 8.34 17.89 -9.44
C PHE A 59 8.50 19.01 -8.43
N THR A 60 7.39 19.52 -7.93
CA THR A 60 7.39 20.47 -6.82
C THR A 60 6.84 19.74 -5.60
N PHE A 61 7.70 19.49 -4.63
CA PHE A 61 7.31 18.80 -3.41
C PHE A 61 6.76 19.80 -2.40
N VAL A 62 5.60 19.49 -1.85
CA VAL A 62 4.98 20.28 -0.80
C VAL A 62 5.06 19.46 0.47
N MET A 63 5.83 19.94 1.45
CA MET A 63 6.10 19.22 2.68
C MET A 63 5.36 19.80 3.88
N ASP A 64 4.49 20.78 3.67
CA ASP A 64 3.80 21.43 4.77
C ASP A 64 2.51 20.63 5.09
N PRO A 65 2.42 20.00 6.25
CA PRO A 65 1.16 19.30 6.56
C PRO A 65 -0.06 20.19 6.45
N LEU A 66 0.10 21.49 6.72
CA LEU A 66 -1.07 22.35 6.84
C LEU A 66 -1.71 22.61 5.48
N SER A 67 -0.97 22.46 4.39
CA SER A 67 -1.44 22.77 3.06
C SER A 67 -2.16 21.62 2.38
N PHE A 68 -2.13 20.41 2.97
CA PHE A 68 -2.73 19.26 2.32
C PHE A 68 -4.21 19.50 2.04
N GLY A 69 -4.96 19.92 3.06
CA GLY A 69 -6.39 20.13 2.88
C GLY A 69 -6.69 20.99 1.67
N SER A 70 -5.95 22.08 1.50
CA SER A 70 -6.17 22.95 0.35
C SER A 70 -5.91 22.20 -0.95
N ILE A 71 -4.75 21.57 -1.08
CA ILE A 71 -4.38 20.92 -2.33
C ILE A 71 -5.33 19.77 -2.62
N LEU A 72 -5.55 18.90 -1.63
CA LEU A 72 -6.35 17.71 -1.87
C LEU A 72 -7.77 18.04 -2.28
N LYS A 73 -8.33 19.09 -1.72
CA LYS A 73 -9.63 19.47 -2.17
C LYS A 73 -9.33 20.53 -3.14
N ASP A 74 -9.48 20.29 -4.41
CA ASP A 74 -9.11 21.28 -5.36
C ASP A 74 -10.31 22.09 -5.57
N THR A 75 -10.40 23.19 -4.85
CA THR A 75 -11.52 24.09 -4.97
C THR A 75 -11.77 24.40 -6.43
N GLN A 76 -10.88 25.17 -7.03
CA GLN A 76 -10.95 25.45 -8.43
C GLN A 76 -10.20 24.27 -8.97
N ARG A 77 -10.71 23.60 -9.96
CA ARG A 77 -10.08 22.37 -10.34
C ARG A 77 -8.86 22.62 -11.16
N LYS A 78 -7.75 22.88 -10.46
CA LYS A 78 -6.50 23.20 -11.11
C LYS A 78 -5.58 22.01 -11.25
N LEU A 79 -5.68 21.07 -10.34
CA LEU A 79 -4.86 19.88 -10.41
C LEU A 79 -5.63 18.75 -11.10
N ASP A 80 -4.97 17.60 -11.18
CA ASP A 80 -5.41 16.47 -11.99
C ASP A 80 -4.67 15.21 -11.60
N PHE A 81 -5.42 14.13 -11.36
CA PHE A 81 -4.82 12.83 -11.14
C PHE A 81 -4.99 11.90 -12.33
N GLY A 82 -6.22 11.77 -12.83
CA GLY A 82 -6.51 10.80 -13.88
C GLY A 82 -5.51 10.80 -15.01
N GLN A 83 -5.38 11.94 -15.69
CA GLN A 83 -4.53 12.02 -16.87
C GLN A 83 -3.16 11.39 -16.63
N TYR A 84 -2.57 11.68 -15.48
CA TYR A 84 -1.24 11.15 -15.20
C TYR A 84 -1.29 9.67 -14.93
N ALA A 85 -2.26 9.25 -14.13
CA ALA A 85 -2.42 7.83 -13.83
C ALA A 85 -2.45 7.00 -15.12
N LYS A 86 -3.17 7.51 -16.11
CA LYS A 86 -3.26 6.87 -17.40
C LYS A 86 -1.86 6.64 -17.92
N LYS A 87 -1.06 7.70 -18.02
CA LYS A 87 0.31 7.58 -18.50
C LYS A 87 1.18 6.51 -17.80
N LEU A 88 1.04 6.34 -16.49
CA LEU A 88 1.84 5.40 -15.75
C LEU A 88 1.54 3.92 -15.89
N VAL A 89 0.27 3.55 -16.00
CA VAL A 89 -0.05 2.13 -16.13
C VAL A 89 0.34 1.66 -17.51
N LEU A 90 0.18 2.51 -18.49
CA LEU A 90 0.63 2.12 -19.83
C LEU A 90 2.11 1.78 -19.81
N LYS A 91 2.95 2.73 -19.39
CA LYS A 91 4.39 2.51 -19.41
C LYS A 91 4.79 1.37 -18.48
N VAL A 92 4.08 1.17 -17.38
CA VAL A 92 4.47 0.17 -16.39
C VAL A 92 3.88 -1.20 -16.72
N PHE A 93 2.57 -1.27 -16.96
CA PHE A 93 1.90 -2.54 -17.20
C PHE A 93 1.49 -2.76 -18.65
N GLY A 94 1.51 -1.71 -19.48
CA GLY A 94 1.07 -1.85 -20.86
C GLY A 94 -0.43 -1.91 -21.02
N TYR A 95 -1.17 -1.28 -20.12
CA TYR A 95 -2.63 -1.27 -20.17
C TYR A 95 -3.12 0.00 -20.87
N ARG A 96 -3.93 -0.18 -21.90
CA ARG A 96 -4.51 0.94 -22.64
C ARG A 96 -5.88 1.26 -22.03
N SER A 97 -5.97 2.41 -21.38
CA SER A 97 -7.24 2.83 -20.81
C SER A 97 -8.26 3.08 -21.90
N VAL A 98 -9.53 2.80 -21.59
CA VAL A 98 -10.64 3.07 -22.47
C VAL A 98 -11.52 4.11 -21.79
N GLN A 99 -12.40 4.72 -22.58
CA GLN A 99 -13.31 5.71 -22.03
C GLN A 99 -14.19 5.07 -20.96
N GLY A 100 -14.03 5.51 -19.72
CA GLY A 100 -14.92 5.16 -18.64
C GLY A 100 -14.45 4.04 -17.74
N ASP A 101 -13.31 3.41 -18.04
CA ASP A 101 -12.90 2.25 -17.25
C ASP A 101 -12.56 2.64 -15.82
N HIS A 102 -11.98 3.83 -15.61
CA HIS A 102 -11.76 4.29 -14.25
C HIS A 102 -13.08 4.35 -13.50
N GLU A 103 -14.01 5.15 -14.02
CA GLU A 103 -15.36 5.26 -13.45
C GLU A 103 -15.86 3.89 -13.04
N MET A 104 -15.67 2.90 -13.92
CA MET A 104 -16.14 1.55 -13.63
C MET A 104 -15.39 0.95 -12.45
N ILE A 105 -14.08 1.16 -12.35
CA ILE A 105 -13.31 0.58 -11.25
C ILE A 105 -13.91 1.01 -9.91
N HIS A 106 -13.97 2.33 -9.68
CA HIS A 106 -14.47 2.82 -8.40
C HIS A 106 -15.96 2.57 -8.25
N SER A 107 -16.72 2.63 -9.34
CA SER A 107 -18.13 2.26 -9.27
C SER A 107 -18.26 0.79 -8.84
N ALA A 108 -17.49 -0.10 -9.46
CA ALA A 108 -17.55 -1.51 -9.10
C ALA A 108 -17.01 -1.75 -7.69
N SER A 109 -15.99 -0.98 -7.29
CA SER A 109 -15.41 -1.16 -5.97
C SER A 109 -16.44 -0.88 -4.89
N THR A 110 -17.04 0.31 -4.90
CA THR A 110 -18.05 0.64 -3.90
C THR A 110 -19.16 -0.39 -3.88
N LYS A 111 -19.58 -0.85 -5.07
CA LYS A 111 -20.72 -1.76 -5.08
C LYS A 111 -20.37 -3.11 -4.49
N HIS A 112 -19.11 -3.54 -4.60
CA HIS A 112 -18.75 -4.91 -4.23
C HIS A 112 -17.60 -5.01 -3.23
N LEU A 113 -16.87 -3.93 -2.95
CA LEU A 113 -15.81 -3.95 -1.94
C LEU A 113 -16.17 -3.12 -0.72
N ARG A 114 -17.46 -2.85 -0.52
CA ARG A 114 -17.90 -2.05 0.62
C ARG A 114 -19.28 -2.49 1.05
N GLY A 115 -19.63 -2.14 2.29
CA GLY A 115 -20.95 -2.36 2.81
C GLY A 115 -21.44 -3.79 2.72
N ASP A 116 -22.45 -4.02 1.87
CA ASP A 116 -23.08 -5.33 1.78
C ASP A 116 -22.33 -6.28 0.86
N GLY A 117 -21.82 -5.78 -0.27
CA GLY A 117 -20.95 -6.61 -1.10
C GLY A 117 -19.72 -7.07 -0.35
N LEU A 118 -19.19 -6.20 0.52
CA LEU A 118 -18.03 -6.57 1.32
C LEU A 118 -18.36 -7.68 2.31
N LYS A 119 -19.52 -7.58 2.96
CA LYS A 119 -19.92 -8.61 3.93
C LYS A 119 -19.87 -10.00 3.30
N ASP A 120 -20.56 -10.16 2.18
CA ASP A 120 -20.58 -11.47 1.51
C ASP A 120 -19.18 -11.87 1.05
N LEU A 121 -18.38 -10.89 0.61
CA LEU A 121 -17.02 -11.19 0.21
C LEU A 121 -16.16 -11.59 1.41
N ASN A 122 -16.31 -10.89 2.53
CA ASN A 122 -15.53 -11.22 3.72
C ASN A 122 -15.82 -12.64 4.18
N GLU A 123 -17.09 -13.07 4.07
CA GLU A 123 -17.42 -14.47 4.31
C GLU A 123 -16.48 -15.39 3.53
N THR A 124 -16.43 -15.18 2.24
CA THR A 124 -15.55 -15.95 1.45
C THR A 124 -14.11 -15.86 1.88
N MET A 125 -13.63 -14.69 2.22
CA MET A 125 -12.28 -14.53 2.67
C MET A 125 -12.02 -15.38 3.85
N LEU A 126 -12.84 -15.29 4.84
CA LEU A 126 -12.64 -16.07 6.06
C LEU A 126 -12.48 -17.54 5.73
N ASP A 127 -13.36 -18.07 4.87
CA ASP A 127 -13.25 -19.47 4.47
C ASP A 127 -11.91 -19.74 3.80
N SER A 128 -11.54 -18.89 2.83
CA SER A 128 -10.25 -19.05 2.16
C SER A 128 -9.10 -18.88 3.14
N LEU A 129 -9.21 -17.91 4.05
CA LEU A 129 -8.12 -17.63 4.97
C LEU A 129 -7.94 -18.75 5.99
N SER A 130 -9.04 -19.37 6.43
CA SER A 130 -8.93 -20.51 7.32
C SER A 130 -8.36 -21.72 6.59
N PHE A 131 -8.82 -21.96 5.36
CA PHE A 131 -8.35 -23.11 4.61
C PHE A 131 -6.84 -23.06 4.40
N VAL A 132 -6.32 -21.90 4.01
CA VAL A 132 -4.89 -21.80 3.72
C VAL A 132 -4.08 -21.92 5.00
N MET A 133 -4.54 -21.30 6.04
CA MET A 133 -3.84 -21.34 7.30
C MET A 133 -3.78 -22.71 7.91
N LEU A 134 -4.86 -23.47 7.80
CA LEU A 134 -4.93 -24.80 8.39
C LEU A 134 -4.05 -25.77 7.63
N THR A 135 -4.19 -25.71 6.34
CA THR A 135 -3.52 -26.57 5.40
C THR A 135 -2.09 -26.31 5.12
N SER A 136 -1.63 -25.08 5.24
CA SER A 136 -0.24 -24.77 5.04
C SER A 136 0.64 -24.65 6.25
N LYS A 137 0.13 -24.58 7.46
CA LYS A 137 0.97 -24.38 8.61
C LYS A 137 2.14 -25.30 8.83
N GLY A 138 2.07 -26.55 8.44
CA GLY A 138 3.21 -27.38 8.65
C GLY A 138 2.90 -28.28 9.79
N TRP A 139 3.22 -29.56 9.69
CA TRP A 139 2.83 -30.42 10.74
C TRP A 139 3.74 -31.52 11.01
N SER A 140 3.61 -31.97 12.22
CA SER A 140 4.27 -33.17 12.70
C SER A 140 3.26 -33.88 13.59
N LEU A 141 3.37 -35.20 13.68
CA LEU A 141 2.44 -35.96 14.52
C LEU A 141 2.41 -35.39 15.94
N ASP A 142 3.49 -34.76 16.37
CA ASP A 142 3.54 -34.07 17.65
C ASP A 142 2.91 -32.69 17.51
N ALA A 143 1.83 -32.45 18.25
CA ALA A 143 1.11 -31.19 18.16
C ALA A 143 1.72 -30.09 19.01
N SER A 144 2.65 -30.42 19.91
CA SER A 144 3.43 -29.41 20.62
C SER A 144 4.74 -29.10 19.91
N CYS A 145 4.75 -29.17 18.58
CA CYS A 145 5.97 -29.02 17.79
C CYS A 145 5.97 -27.66 17.10
N TRP A 146 6.73 -26.73 17.66
CA TRP A 146 7.05 -25.48 16.98
C TRP A 146 7.48 -25.73 15.55
N HIS A 147 7.10 -24.81 14.67
CA HIS A 147 7.57 -24.76 13.30
C HIS A 147 8.21 -23.40 13.08
N GLU A 148 9.42 -23.40 12.53
CA GLU A 148 10.15 -22.16 12.27
C GLU A 148 9.98 -21.74 10.82
N ASP A 149 9.73 -20.45 10.61
CA ASP A 149 9.53 -19.86 9.30
C ASP A 149 10.11 -18.45 9.36
N SER A 150 10.20 -17.80 8.19
CA SER A 150 10.47 -16.37 8.18
C SER A 150 9.12 -15.64 8.23
N LEU A 151 9.00 -14.69 9.14
CA LEU A 151 7.70 -14.05 9.35
C LEU A 151 7.20 -13.39 8.07
N PHE A 152 8.08 -12.71 7.33
CA PHE A 152 7.64 -11.97 6.15
C PHE A 152 7.01 -12.90 5.12
N ARG A 153 7.79 -13.86 4.61
CA ARG A 153 7.26 -14.76 3.60
C ARG A 153 5.99 -15.45 4.06
N PHE A 154 5.86 -15.70 5.36
CA PHE A 154 4.68 -16.39 5.87
C PHE A 154 3.43 -15.53 5.71
N CYS A 155 3.45 -14.32 6.30
CA CYS A 155 2.28 -13.45 6.23
C CYS A 155 1.91 -13.13 4.79
N TYR A 156 2.92 -12.88 3.96
CA TYR A 156 2.70 -12.45 2.57
C TYR A 156 2.31 -13.61 1.67
N TYR A 157 2.57 -14.85 2.09
CA TYR A 157 2.02 -16.01 1.38
C TYR A 157 0.57 -16.26 1.78
N ILE A 158 0.28 -16.22 3.09
CA ILE A 158 -1.08 -16.45 3.55
C ILE A 158 -2.01 -15.36 3.02
N LEU A 159 -1.64 -14.11 3.19
CA LEU A 159 -2.50 -13.01 2.74
C LEU A 159 -2.67 -13.03 1.23
N PHE A 160 -1.62 -13.37 0.50
CA PHE A 160 -1.71 -13.40 -0.95
C PHE A 160 -2.63 -14.51 -1.43
N THR A 161 -2.30 -15.75 -1.08
CA THR A 161 -3.11 -16.88 -1.54
C THR A 161 -4.58 -16.68 -1.20
N ALA A 162 -4.87 -16.26 0.04
CA ALA A 162 -6.26 -16.11 0.46
C ALA A 162 -6.94 -14.99 -0.31
N GLY A 163 -6.32 -13.81 -0.36
CA GLY A 163 -6.92 -12.72 -1.11
C GLY A 163 -7.11 -13.04 -2.57
N TYR A 164 -6.11 -13.69 -3.18
CA TYR A 164 -6.22 -14.08 -4.58
C TYR A 164 -7.39 -15.00 -4.80
N LEU A 165 -7.49 -16.07 -4.01
CA LEU A 165 -8.59 -17.01 -4.17
C LEU A 165 -9.93 -16.37 -3.87
N SER A 166 -9.96 -15.37 -2.99
CA SER A 166 -11.21 -14.71 -2.66
C SER A 166 -11.66 -13.75 -3.76
N LEU A 167 -10.75 -13.27 -4.61
CA LEU A 167 -11.05 -12.26 -5.59
C LEU A 167 -11.09 -12.80 -7.02
N PHE A 168 -10.18 -13.69 -7.38
CA PHE A 168 -10.10 -14.21 -8.74
C PHE A 168 -10.77 -15.57 -8.90
N GLY A 169 -11.34 -16.11 -7.83
CA GLY A 169 -12.12 -17.32 -7.92
C GLY A 169 -11.34 -18.57 -7.63
N TYR A 170 -12.04 -19.69 -7.72
CA TYR A 170 -11.46 -20.98 -7.47
C TYR A 170 -12.25 -22.04 -8.21
N THR A 171 -11.80 -23.27 -8.16
CA THR A 171 -12.42 -24.35 -8.89
C THR A 171 -12.89 -25.42 -7.92
N LYS A 172 -13.39 -26.55 -8.42
CA LYS A 172 -13.83 -27.62 -7.55
C LYS A 172 -12.76 -28.24 -6.64
N ASP A 173 -11.53 -28.37 -7.11
CA ASP A 173 -10.46 -28.96 -6.35
C ASP A 173 -9.71 -27.96 -5.50
N LYS A 174 -10.22 -27.65 -4.33
CA LYS A 174 -9.64 -26.68 -3.41
C LYS A 174 -8.13 -26.78 -3.23
N GLU A 175 -7.62 -27.97 -3.02
CA GLU A 175 -6.19 -28.15 -2.84
C GLU A 175 -5.39 -27.70 -4.06
N GLN A 176 -5.84 -28.06 -5.25
CA GLN A 176 -5.19 -27.62 -6.46
C GLN A 176 -5.06 -26.12 -6.49
N ASP A 177 -6.15 -25.42 -6.24
CA ASP A 177 -6.11 -24.00 -6.19
C ASP A 177 -5.09 -23.45 -5.24
N LEU A 178 -4.98 -23.99 -4.05
CA LEU A 178 -3.98 -23.48 -3.16
C LEU A 178 -2.60 -23.71 -3.73
N LEU A 179 -2.42 -24.80 -4.45
CA LEU A 179 -1.12 -25.08 -5.06
C LEU A 179 -0.78 -24.03 -6.11
N GLN A 180 -1.72 -23.80 -7.04
CA GLN A 180 -1.48 -22.81 -8.09
C GLN A 180 -1.33 -21.42 -7.50
N ALA A 181 -2.14 -21.09 -6.49
CA ALA A 181 -1.99 -19.81 -5.81
C ALA A 181 -0.60 -19.65 -5.22
N GLY A 182 -0.05 -20.73 -4.65
CA GLY A 182 1.30 -20.68 -4.14
C GLY A 182 2.35 -20.53 -5.21
N GLU A 183 2.13 -21.14 -6.37
CA GLU A 183 3.06 -20.98 -7.48
C GLU A 183 3.06 -19.53 -7.97
N LEU A 184 1.88 -18.98 -8.26
CA LEU A 184 1.76 -17.55 -8.52
C LEU A 184 2.52 -16.72 -7.49
N PHE A 185 2.34 -17.01 -6.21
CA PHE A 185 2.98 -16.21 -5.17
C PHE A 185 4.48 -16.14 -5.40
N MET A 186 5.11 -17.29 -5.65
CA MET A 186 6.56 -17.30 -5.88
C MET A 186 6.93 -16.34 -7.02
N GLU A 187 6.25 -16.47 -8.15
CA GLU A 187 6.54 -15.58 -9.28
C GLU A 187 6.19 -14.14 -8.93
N PHE A 188 5.02 -13.93 -8.31
CA PHE A 188 4.64 -12.60 -7.87
C PHE A 188 5.74 -11.94 -7.05
N ARG A 189 6.32 -12.69 -6.11
CA ARG A 189 7.34 -12.14 -5.23
C ARG A 189 8.56 -11.70 -6.03
N LYS A 190 8.95 -12.48 -7.05
CA LYS A 190 10.07 -12.08 -7.89
C LYS A 190 9.79 -10.74 -8.56
N PHE A 191 8.59 -10.59 -9.12
CA PHE A 191 8.21 -9.33 -9.74
C PHE A 191 8.14 -8.21 -8.70
N ASP A 192 7.60 -8.51 -7.53
CA ASP A 192 7.53 -7.52 -6.45
C ASP A 192 8.91 -7.02 -6.09
N LEU A 193 9.88 -7.92 -6.00
CA LEU A 193 11.24 -7.52 -5.61
C LEU A 193 11.85 -6.58 -6.65
N LEU A 194 11.58 -6.82 -7.92
CA LEU A 194 12.19 -6.02 -8.97
C LEU A 194 11.48 -4.70 -9.20
N PHE A 195 10.27 -4.53 -8.68
CA PHE A 195 9.39 -3.47 -9.18
C PHE A 195 10.00 -2.08 -9.05
N PRO A 196 10.52 -1.66 -7.89
CA PRO A 196 11.08 -0.30 -7.82
C PRO A 196 12.16 -0.04 -8.85
N ARG A 197 13.16 -0.93 -8.96
CA ARG A 197 14.20 -0.75 -9.96
C ARG A 197 13.63 -0.85 -11.37
N PHE A 198 12.49 -1.51 -11.56
CA PHE A 198 11.83 -1.52 -12.86
C PHE A 198 11.29 -0.14 -13.21
N VAL A 199 10.57 0.48 -12.26
CA VAL A 199 10.01 1.80 -12.50
C VAL A 199 11.11 2.84 -12.59
N TYR A 200 12.11 2.74 -11.72
CA TYR A 200 13.26 3.64 -11.75
C TYR A 200 14.22 3.32 -12.89
N SER A 201 13.91 2.33 -13.73
CA SER A 201 14.74 1.93 -14.85
C SER A 201 16.21 1.76 -14.43
N LEU A 202 16.40 0.90 -13.43
CA LEU A 202 17.73 0.63 -12.89
C LEU A 202 17.98 -0.89 -12.88
N LEU A 203 17.86 -1.50 -14.03
CA LEU A 203 17.98 -2.90 -14.14
C LEU A 203 18.93 -3.33 -15.21
N TRP A 204 19.57 -4.45 -15.04
CA TRP A 204 20.45 -4.96 -16.04
C TRP A 204 19.63 -5.79 -17.04
N PRO A 205 20.24 -6.15 -18.16
CA PRO A 205 19.52 -6.86 -19.23
C PRO A 205 18.86 -8.15 -18.77
N ARG A 206 19.47 -8.93 -17.90
CA ARG A 206 18.84 -10.15 -17.44
C ARG A 206 17.52 -9.84 -16.72
N GLU A 207 17.49 -8.76 -15.94
CA GLU A 207 16.30 -8.43 -15.22
C GLU A 207 15.26 -7.82 -16.13
N TRP A 208 15.61 -6.96 -17.05
CA TRP A 208 14.63 -6.42 -18.00
C TRP A 208 13.92 -7.55 -18.73
N LEU A 209 14.61 -8.66 -18.99
CA LEU A 209 13.97 -9.81 -19.62
C LEU A 209 13.16 -10.61 -18.60
N GLU A 210 13.67 -10.75 -17.38
CA GLU A 210 12.91 -11.44 -16.34
C GLU A 210 11.57 -10.76 -16.11
N VAL A 211 11.58 -9.43 -16.01
CA VAL A 211 10.31 -8.70 -15.86
C VAL A 211 9.39 -9.02 -17.03
N GLY A 212 9.96 -9.25 -18.21
CA GLY A 212 9.14 -9.62 -19.36
C GLY A 212 8.55 -11.01 -19.22
N ARG A 213 9.37 -11.98 -18.82
CA ARG A 213 8.87 -13.33 -18.62
C ARG A 213 7.75 -13.35 -17.58
N LEU A 214 7.92 -12.60 -16.48
CA LEU A 214 6.91 -12.61 -15.43
C LEU A 214 5.61 -11.97 -15.92
N GLN A 215 5.70 -10.89 -16.70
CA GLN A 215 4.50 -10.26 -17.21
C GLN A 215 3.76 -11.18 -18.18
N ARG A 216 4.49 -11.86 -19.07
CA ARG A 216 3.87 -12.84 -19.94
C ARG A 216 3.22 -13.95 -19.13
N LEU A 217 3.95 -14.51 -18.16
CA LEU A 217 3.43 -15.59 -17.34
C LEU A 217 2.14 -15.16 -16.64
N PHE A 218 2.12 -13.96 -16.06
CA PHE A 218 0.93 -13.52 -15.35
C PHE A 218 -0.23 -13.30 -16.31
N HIS A 219 0.05 -12.78 -17.52
CA HIS A 219 -0.99 -12.65 -18.53
C HIS A 219 -1.62 -14.00 -18.83
N LYS A 220 -0.79 -15.04 -18.96
CA LYS A 220 -1.31 -16.37 -19.29
C LYS A 220 -2.12 -16.95 -18.14
N MET A 221 -1.53 -16.96 -16.93
CA MET A 221 -2.18 -17.64 -15.82
C MET A 221 -3.54 -17.03 -15.52
N LEU A 222 -3.63 -15.71 -15.48
CA LEU A 222 -4.88 -15.01 -15.25
C LEU A 222 -5.67 -14.77 -16.54
N SER A 223 -5.28 -15.44 -17.58
CA SER A 223 -5.87 -15.22 -18.84
C SER A 223 -7.35 -15.29 -18.82
N VAL A 224 -7.98 -14.43 -19.58
CA VAL A 224 -9.41 -14.47 -19.67
C VAL A 224 -9.87 -15.68 -20.49
N SER A 225 -9.06 -16.24 -21.40
CA SER A 225 -9.46 -17.45 -22.08
C SER A 225 -9.16 -18.68 -21.24
N HIS A 226 -9.93 -18.91 -20.18
CA HIS A 226 -9.75 -20.03 -19.31
C HIS A 226 -11.12 -20.49 -18.83
N LYS A 230 -12.79 -21.17 -14.36
CA LYS A 230 -12.87 -21.35 -12.91
C LYS A 230 -14.32 -21.32 -12.48
N GLU A 231 -14.61 -20.83 -11.29
CA GLU A 231 -15.98 -20.65 -10.89
C GLU A 231 -15.97 -19.73 -9.69
N GLY A 232 -17.00 -18.97 -9.50
CA GLY A 232 -17.13 -18.18 -8.29
C GLY A 232 -16.08 -17.12 -8.04
N ILE A 233 -15.95 -16.13 -8.91
CA ILE A 233 -14.98 -15.07 -8.72
C ILE A 233 -15.72 -13.86 -8.14
N SER A 234 -14.97 -13.00 -7.47
CA SER A 234 -15.56 -11.82 -6.84
C SER A 234 -16.36 -11.03 -7.87
N ASN A 235 -17.49 -10.46 -7.41
CA ASN A 235 -18.25 -9.57 -8.27
C ASN A 235 -17.38 -8.42 -8.77
N TRP A 236 -16.52 -7.93 -7.90
CA TRP A 236 -15.60 -6.87 -8.27
C TRP A 236 -14.94 -7.16 -9.59
N LEU A 237 -14.22 -8.27 -9.69
CA LEU A 237 -13.56 -8.62 -10.92
C LEU A 237 -14.57 -8.96 -11.99
N GLY A 238 -15.56 -9.78 -11.68
CA GLY A 238 -16.58 -10.13 -12.64
C GLY A 238 -17.23 -8.93 -13.26
N ASN A 239 -17.53 -7.94 -12.45
CA ASN A 239 -18.14 -6.75 -12.96
C ASN A 239 -17.25 -6.00 -13.94
N MET A 240 -16.00 -5.74 -13.57
CA MET A 240 -15.10 -5.01 -14.41
C MET A 240 -14.86 -5.69 -15.74
N LEU A 241 -14.40 -6.91 -15.70
CA LEU A 241 -14.16 -7.63 -16.92
C LEU A 241 -15.36 -7.52 -17.84
N GLN A 242 -16.55 -7.75 -17.34
CA GLN A 242 -17.75 -7.61 -18.13
C GLN A 242 -17.84 -6.26 -18.82
N PHE A 243 -17.60 -5.18 -18.10
CA PHE A 243 -17.58 -3.86 -18.70
C PHE A 243 -16.58 -3.83 -19.84
N LEU A 244 -15.35 -4.25 -19.57
CA LEU A 244 -14.33 -4.31 -20.59
C LEU A 244 -14.80 -5.08 -21.79
N ARG A 245 -15.33 -6.27 -21.59
CA ARG A 245 -15.86 -7.07 -22.67
C ARG A 245 -16.85 -6.30 -23.52
N GLU A 246 -17.82 -5.67 -22.89
CA GLU A 246 -18.79 -4.93 -23.65
C GLU A 246 -18.14 -3.83 -24.47
N GLN A 247 -17.18 -3.14 -23.91
CA GLN A 247 -16.51 -2.06 -24.62
C GLN A 247 -15.65 -2.53 -25.78
N GLY A 248 -15.46 -3.84 -25.94
CA GLY A 248 -14.65 -4.34 -27.03
C GLY A 248 -13.16 -4.39 -26.77
N VAL A 249 -12.75 -4.40 -25.50
CA VAL A 249 -11.34 -4.55 -25.13
C VAL A 249 -10.91 -5.96 -25.50
N PRO A 250 -9.90 -6.14 -26.35
CA PRO A 250 -9.45 -7.50 -26.66
C PRO A 250 -9.10 -8.27 -25.41
N SER A 251 -9.35 -9.58 -25.44
CA SER A 251 -9.04 -10.43 -24.29
C SER A 251 -7.57 -10.30 -23.90
N ALA A 252 -6.68 -10.10 -24.88
CA ALA A 252 -5.27 -9.94 -24.56
C ALA A 252 -5.04 -8.77 -23.63
N MET A 253 -5.80 -7.68 -23.82
CA MET A 253 -5.70 -6.53 -22.93
C MET A 253 -6.40 -6.79 -21.61
N GLN A 254 -7.47 -7.59 -21.62
CA GLN A 254 -8.10 -8.01 -20.37
C GLN A 254 -7.10 -8.74 -19.48
N ASP A 255 -6.25 -9.57 -20.07
CA ASP A 255 -5.21 -10.24 -19.31
C ASP A 255 -4.35 -9.24 -18.57
N LYS A 256 -3.91 -8.18 -19.26
CA LYS A 256 -3.06 -7.17 -18.63
C LYS A 256 -3.79 -6.44 -17.51
N PHE A 257 -5.11 -6.25 -17.66
CA PHE A 257 -5.90 -5.66 -16.58
C PHE A 257 -5.91 -6.56 -15.36
N ASN A 258 -6.16 -7.86 -15.56
CA ASN A 258 -6.22 -8.79 -14.44
C ASN A 258 -4.94 -8.76 -13.63
N PHE A 259 -3.78 -8.66 -14.30
CA PHE A 259 -2.52 -8.61 -13.57
C PHE A 259 -2.36 -7.29 -12.81
N MET A 260 -2.72 -6.18 -13.44
CA MET A 260 -2.68 -4.89 -12.74
C MET A 260 -3.54 -4.94 -11.48
N MET A 261 -4.72 -5.55 -11.58
CA MET A 261 -5.56 -5.66 -10.39
C MET A 261 -4.95 -6.61 -9.38
N LEU A 262 -4.32 -7.70 -9.83
CA LEU A 262 -3.60 -8.57 -8.91
C LEU A 262 -2.55 -7.78 -8.14
N TRP A 263 -1.77 -6.97 -8.86
CA TRP A 263 -0.74 -6.16 -8.23
C TRP A 263 -1.33 -5.23 -7.18
N ALA A 264 -2.45 -4.59 -7.51
CA ALA A 264 -3.05 -3.62 -6.59
C ALA A 264 -3.63 -4.32 -5.36
N SER A 265 -4.29 -5.46 -5.56
CA SER A 265 -5.03 -6.07 -4.47
C SER A 265 -4.15 -6.88 -3.54
N GLN A 266 -3.04 -7.43 -4.03
CA GLN A 266 -2.21 -8.33 -3.24
C GLN A 266 -0.82 -7.77 -2.94
N GLY A 267 -0.50 -6.57 -3.44
CA GLY A 267 0.85 -6.07 -3.28
C GLY A 267 1.18 -5.52 -1.91
N ASN A 268 0.17 -5.03 -1.19
CA ASN A 268 0.39 -4.37 0.09
C ASN A 268 -0.25 -5.07 1.28
N THR A 269 -1.30 -5.87 1.08
CA THR A 269 -1.98 -6.48 2.21
C THR A 269 -1.02 -7.37 3.00
N GLY A 270 -0.31 -8.27 2.32
CA GLY A 270 0.61 -9.16 2.96
C GLY A 270 1.66 -8.43 3.78
N PRO A 271 2.45 -7.58 3.13
CA PRO A 271 3.49 -6.84 3.87
C PRO A 271 2.94 -6.07 5.06
N THR A 272 1.75 -5.49 4.94
CA THR A 272 1.13 -4.83 6.09
C THR A 272 0.92 -5.81 7.23
N SER A 273 0.31 -6.97 6.94
CA SER A 273 0.11 -7.99 7.96
C SER A 273 1.42 -8.34 8.64
N PHE A 274 2.51 -8.47 7.86
CA PHE A 274 3.79 -8.82 8.43
C PHE A 274 4.20 -7.81 9.50
N TRP A 275 4.18 -6.52 9.15
CA TRP A 275 4.58 -5.50 10.13
C TRP A 275 3.65 -5.50 11.33
N ALA A 276 2.35 -5.62 11.10
CA ALA A 276 1.38 -5.54 12.21
C ALA A 276 1.60 -6.66 13.21
N LEU A 277 1.80 -7.86 12.73
CA LEU A 277 2.11 -8.97 13.59
C LEU A 277 3.48 -8.86 14.27
N LEU A 278 4.49 -8.45 13.53
CA LEU A 278 5.81 -8.29 14.10
C LEU A 278 5.82 -7.26 15.20
N TYR A 279 5.09 -6.15 15.07
CA TYR A 279 5.02 -5.21 16.13
C TYR A 279 4.36 -5.82 17.35
N LEU A 280 3.31 -6.60 17.16
CA LEU A 280 2.65 -7.22 18.30
C LEU A 280 3.60 -8.16 19.04
N LEU A 281 4.46 -8.87 18.31
CA LEU A 281 5.42 -9.75 18.96
C LEU A 281 6.49 -8.97 19.71
N LYS A 282 6.83 -7.78 19.24
CA LYS A 282 7.85 -6.95 19.88
C LYS A 282 7.28 -6.10 21.02
N HIS A 283 5.98 -6.18 21.29
CA HIS A 283 5.35 -5.37 22.32
C HIS A 283 4.34 -6.23 23.08
N PRO A 284 4.78 -6.87 24.17
CA PRO A 284 3.85 -7.74 24.91
C PRO A 284 2.54 -7.08 25.30
N GLU A 285 2.57 -5.80 25.69
CA GLU A 285 1.33 -5.16 26.14
C GLU A 285 0.35 -4.96 24.99
N ALA A 286 0.86 -4.78 23.76
CA ALA A 286 -0.03 -4.58 22.63
C ALA A 286 -0.72 -5.89 22.24
N ILE A 287 0.04 -6.99 22.19
CA ILE A 287 -0.54 -8.27 21.80
C ILE A 287 -1.51 -8.76 22.87
N ARG A 288 -1.19 -8.52 24.15
CA ARG A 288 -2.16 -8.78 25.20
C ARG A 288 -3.45 -8.01 24.94
N ALA A 289 -3.32 -6.73 24.57
CA ALA A 289 -4.50 -5.88 24.39
C ALA A 289 -5.42 -6.43 23.32
N VAL A 290 -4.87 -6.96 22.23
CA VAL A 290 -5.73 -7.41 21.14
C VAL A 290 -6.28 -8.80 21.46
N ARG A 291 -5.47 -9.65 22.10
CA ARG A 291 -5.92 -10.98 22.48
C ARG A 291 -7.11 -10.91 23.43
N GLU A 292 -7.01 -10.06 24.46
CA GLU A 292 -8.12 -9.89 25.39
C GLU A 292 -9.35 -9.36 24.68
N GLU A 293 -9.16 -8.39 23.77
CA GLU A 293 -10.26 -7.90 22.96
C GLU A 293 -10.81 -8.98 22.03
N ALA A 294 -9.93 -9.86 21.53
CA ALA A 294 -10.36 -10.86 20.55
C ALA A 294 -11.28 -11.91 21.15
N THR A 295 -11.29 -12.06 22.47
CA THR A 295 -12.08 -13.12 23.10
C THR A 295 -13.53 -12.71 23.30
N GLN A 296 -14.05 -11.89 22.39
CA GLN A 296 -15.47 -11.55 22.37
C GLN A 296 -15.81 -10.70 21.14
N LEU A 313 -18.79 -14.03 14.13
CA LEU A 313 -18.96 -14.28 12.69
C LEU A 313 -18.65 -13.01 11.90
N GLY A 314 -19.31 -11.92 12.28
CA GLY A 314 -19.08 -10.65 11.64
C GLY A 314 -19.05 -9.50 12.61
N ALA A 315 -18.07 -9.52 13.53
CA ALA A 315 -17.95 -8.52 14.59
C ALA A 315 -16.71 -7.64 14.43
N LEU A 316 -16.22 -7.53 13.23
CA LEU A 316 -15.17 -6.59 13.00
C LEU A 316 -15.62 -5.19 13.49
N GLN A 317 -16.89 -4.85 13.46
CA GLN A 317 -17.30 -3.57 13.92
C GLN A 317 -16.95 -3.28 15.35
N HIS A 318 -16.78 -4.26 16.22
CA HIS A 318 -16.47 -3.90 17.56
C HIS A 318 -15.10 -4.27 18.00
N THR A 319 -14.10 -3.86 17.25
CA THR A 319 -12.71 -4.16 17.58
C THR A 319 -11.90 -2.87 17.54
N PRO A 320 -12.14 -1.96 18.49
CA PRO A 320 -11.44 -0.65 18.41
C PRO A 320 -9.96 -0.76 18.67
N VAL A 321 -9.53 -1.63 19.58
CA VAL A 321 -8.10 -1.76 19.87
C VAL A 321 -7.35 -2.26 18.65
N LEU A 322 -7.91 -3.25 17.96
CA LEU A 322 -7.26 -3.77 16.75
C LEU A 322 -7.24 -2.71 15.65
N ASP A 323 -8.28 -1.89 15.56
CA ASP A 323 -8.29 -0.79 14.60
C ASP A 323 -7.13 0.16 14.85
N SER A 324 -6.92 0.53 16.12
CA SER A 324 -5.80 1.40 16.44
C SER A 324 -4.47 0.75 16.08
N VAL A 325 -4.37 -0.57 16.28
CA VAL A 325 -3.10 -1.26 15.99
C VAL A 325 -2.82 -1.25 14.50
N VAL A 326 -3.85 -1.39 13.67
CA VAL A 326 -3.63 -1.40 12.23
C VAL A 326 -3.21 -0.02 11.74
N GLU A 327 -3.93 1.02 12.16
CA GLU A 327 -3.54 2.38 11.79
C GLU A 327 -2.11 2.67 12.22
N GLU A 328 -1.78 2.35 13.47
CA GLU A 328 -0.41 2.58 13.96
C GLU A 328 0.61 1.79 13.15
N THR A 329 0.22 0.66 12.57
CA THR A 329 1.11 -0.03 11.64
C THR A 329 1.20 0.72 10.32
N LEU A 330 0.05 1.14 9.78
CA LEU A 330 0.05 1.87 8.52
C LEU A 330 0.81 3.18 8.64
N ARG A 331 0.60 3.91 9.74
CA ARG A 331 1.32 5.17 9.94
C ARG A 331 2.83 4.96 9.93
N LEU A 332 3.29 3.79 10.37
CA LEU A 332 4.71 3.55 10.55
C LEU A 332 5.37 2.87 9.35
N ARG A 333 4.61 2.15 8.59
CA ARG A 333 5.10 1.47 7.43
C ARG A 333 4.44 1.75 6.09
N ALA A 334 3.42 2.58 5.98
CA ALA A 334 2.85 2.84 4.69
C ALA A 334 3.43 4.15 4.29
N ALA A 335 3.95 4.21 3.09
CA ALA A 335 4.62 5.43 2.64
C ALA A 335 4.46 5.67 1.15
N PRO A 336 3.24 5.86 0.66
CA PRO A 336 3.03 6.18 -0.75
C PRO A 336 3.32 7.65 -1.02
N THR A 337 3.26 8.01 -2.30
CA THR A 337 3.47 9.39 -2.74
C THR A 337 2.21 9.86 -3.44
N LEU A 338 1.67 10.99 -2.99
CA LEU A 338 0.52 11.59 -3.66
C LEU A 338 1.01 12.47 -4.81
N LEU A 339 0.52 12.21 -6.00
CA LEU A 339 0.92 12.94 -7.19
C LEU A 339 -0.21 13.61 -7.90
N ARG A 340 0.01 14.81 -8.37
CA ARG A 340 -1.00 15.60 -9.07
C ARG A 340 -0.34 16.36 -10.20
N LEU A 341 -0.85 16.19 -11.41
CA LEU A 341 -0.41 17.02 -12.53
C LEU A 341 -1.10 18.37 -12.43
N VAL A 342 -0.32 19.44 -12.60
CA VAL A 342 -0.86 20.80 -12.58
C VAL A 342 -1.47 21.07 -13.96
N HIS A 343 -2.81 21.11 -14.02
CA HIS A 343 -3.48 21.28 -15.30
C HIS A 343 -3.40 22.72 -15.79
N GLU A 344 -3.73 23.65 -14.95
CA GLU A 344 -3.62 25.06 -15.26
C GLU A 344 -2.95 25.68 -14.05
N ASP A 345 -2.20 26.76 -14.24
CA ASP A 345 -1.30 27.31 -13.25
C ASP A 345 -1.90 27.46 -11.91
N TYR A 346 -1.26 26.90 -10.90
CA TYR A 346 -1.81 26.82 -9.58
C TYR A 346 -1.11 27.73 -8.67
N THR A 347 -1.86 28.33 -7.79
CA THR A 347 -1.30 29.27 -6.82
C THR A 347 -1.71 28.82 -5.42
N LEU A 348 -0.73 28.66 -4.55
CA LEU A 348 -0.92 28.17 -3.20
C LEU A 348 -0.33 29.18 -2.23
N LYS A 349 -1.13 29.64 -1.24
CA LYS A 349 -0.62 30.35 -0.08
C LYS A 349 -0.23 29.36 1.02
N MET A 350 0.97 29.54 1.54
CA MET A 350 1.54 28.68 2.55
C MET A 350 1.07 29.11 3.94
N SER A 351 1.18 28.17 4.86
CA SER A 351 0.93 28.50 6.26
C SER A 351 1.75 29.72 6.66
N SER A 352 3.05 29.68 6.42
CA SER A 352 3.93 30.79 6.79
C SER A 352 3.39 32.12 6.24
N GLY A 353 3.15 32.18 4.93
CA GLY A 353 2.58 33.38 4.35
C GLY A 353 3.00 33.69 2.93
N GLN A 354 3.82 32.84 2.32
CA GLN A 354 4.20 33.10 0.94
C GLN A 354 3.08 32.68 -0.02
N GLU A 355 3.17 33.19 -1.24
CA GLU A 355 2.32 32.89 -2.39
C GLU A 355 3.20 32.25 -3.45
N TYR A 356 3.04 30.94 -3.66
CA TYR A 356 3.84 30.21 -4.64
C TYR A 356 3.02 29.93 -5.88
N LEU A 357 3.71 29.90 -7.03
CA LEU A 357 3.12 29.61 -8.32
C LEU A 357 3.63 28.27 -8.83
N PHE A 358 2.74 27.50 -9.45
CA PHE A 358 3.08 26.20 -10.01
C PHE A 358 2.71 26.19 -11.48
N ARG A 359 3.73 26.07 -12.34
CA ARG A 359 3.49 26.07 -13.78
C ARG A 359 2.62 24.89 -14.17
N HIS A 360 1.74 25.11 -15.15
CA HIS A 360 1.03 23.99 -15.74
C HIS A 360 2.05 23.04 -16.37
N GLY A 361 1.81 21.74 -16.21
CA GLY A 361 2.76 20.73 -16.61
C GLY A 361 3.67 20.26 -15.51
N ASP A 362 3.86 21.06 -14.46
CA ASP A 362 4.59 20.62 -13.29
C ASP A 362 3.82 19.49 -12.59
N ILE A 363 4.54 18.71 -11.80
CA ILE A 363 3.95 17.63 -11.01
C ILE A 363 4.03 18.04 -9.55
N LEU A 364 2.89 18.39 -8.97
CA LEU A 364 2.82 18.65 -7.53
C LEU A 364 2.81 17.31 -6.81
N ALA A 365 3.64 17.19 -5.77
CA ALA A 365 3.85 15.90 -5.12
C ALA A 365 3.85 16.06 -3.61
N LEU A 366 3.15 15.15 -2.94
CA LEU A 366 3.14 15.06 -1.48
C LEU A 366 3.74 13.74 -1.03
N PHE A 367 4.41 13.77 0.12
CA PHE A 367 4.99 12.58 0.75
C PHE A 367 4.48 12.54 2.18
N PRO A 368 3.24 12.07 2.38
CA PRO A 368 2.64 12.15 3.73
C PRO A 368 3.44 11.45 4.80
N TYR A 369 4.25 10.44 4.46
CA TYR A 369 5.01 9.73 5.48
C TYR A 369 5.91 10.69 6.24
N LEU A 370 6.67 11.51 5.53
CA LEU A 370 7.56 12.46 6.19
C LEU A 370 6.79 13.65 6.74
N SER A 371 5.94 14.21 5.95
CA SER A 371 5.20 15.33 6.37
C SER A 371 4.24 15.07 7.47
N VAL A 372 3.56 13.95 7.47
CA VAL A 372 2.59 13.73 8.49
C VAL A 372 2.83 12.61 9.44
N HIS A 373 3.33 11.48 9.02
CA HIS A 373 3.50 10.38 9.92
C HIS A 373 4.60 10.53 10.89
N MET A 374 5.73 11.02 10.46
CA MET A 374 6.88 11.23 11.31
C MET A 374 6.93 12.62 11.92
N ASP A 375 5.92 13.45 11.67
CA ASP A 375 5.85 14.77 12.29
C ASP A 375 5.74 14.62 13.80
N PRO A 376 6.79 14.93 14.57
CA PRO A 376 6.72 14.74 16.03
C PRO A 376 5.74 15.66 16.72
N ASP A 377 5.24 16.66 16.03
CA ASP A 377 4.34 17.62 16.63
C ASP A 377 2.90 17.14 16.49
N ILE A 378 2.61 16.50 15.38
CA ILE A 378 1.37 15.79 15.16
C ILE A 378 1.33 14.49 15.93
N HIS A 379 2.38 13.69 15.85
CA HIS A 379 2.46 12.46 16.57
C HIS A 379 3.68 12.47 17.41
N PRO A 380 3.54 12.62 18.71
CA PRO A 380 4.76 12.63 19.50
C PRO A 380 5.46 11.30 19.53
N GLU A 381 6.78 11.30 19.64
CA GLU A 381 7.60 10.10 19.64
C GLU A 381 7.27 9.28 18.44
N PRO A 382 7.31 9.88 17.27
CA PRO A 382 6.82 9.21 16.10
C PRO A 382 7.43 7.93 15.67
N THR A 383 8.66 7.61 15.98
CA THR A 383 9.19 6.39 15.50
C THR A 383 8.88 5.27 16.44
N VAL A 384 8.03 5.53 17.41
CA VAL A 384 7.74 4.53 18.42
C VAL A 384 6.38 3.91 18.12
N PHE A 385 6.29 2.59 18.30
CA PHE A 385 5.01 1.90 18.12
C PHE A 385 4.20 2.05 19.40
N LYS A 386 3.13 2.82 19.32
CA LYS A 386 2.20 3.02 20.43
C LYS A 386 0.86 2.42 19.99
N TYR A 387 0.59 1.18 20.43
CA TYR A 387 -0.59 0.48 19.95
C TYR A 387 -1.87 1.25 20.24
N ASP A 388 -1.90 2.03 21.33
CA ASP A 388 -3.06 2.80 21.70
C ASP A 388 -3.02 4.23 21.15
N ARG A 389 -2.15 4.49 20.16
CA ARG A 389 -1.99 5.85 19.66
C ARG A 389 -3.31 6.41 19.15
N PHE A 390 -4.11 5.58 18.46
CA PHE A 390 -5.39 6.01 17.91
C PHE A 390 -6.54 5.57 18.79
N LEU A 391 -6.34 5.62 20.11
CA LEU A 391 -7.36 5.31 21.09
C LEU A 391 -7.39 6.41 22.13
N ASN A 392 -8.57 6.69 22.62
CA ASN A 392 -8.74 7.73 23.61
C ASN A 392 -8.70 7.15 25.00
N PRO A 393 -8.35 7.97 26.01
CA PRO A 393 -8.30 7.47 27.39
C PRO A 393 -9.45 6.53 27.73
N ASN A 394 -10.64 6.79 27.16
CA ASN A 394 -11.81 5.98 27.38
C ASN A 394 -12.01 4.94 26.27
N GLY A 395 -10.93 4.49 25.66
CA GLY A 395 -11.00 3.42 24.67
C GLY A 395 -11.75 3.76 23.40
N SER A 396 -12.14 5.02 23.21
CA SER A 396 -12.85 5.41 22.00
C SER A 396 -11.88 5.59 20.84
N ARG A 397 -12.43 5.82 19.66
CA ARG A 397 -11.61 6.08 18.48
C ARG A 397 -11.17 7.54 18.50
N LYS A 398 -9.86 7.76 18.37
CA LYS A 398 -9.28 9.09 18.42
C LYS A 398 -9.08 9.64 17.01
N VAL A 399 -9.54 10.86 16.80
CA VAL A 399 -9.51 11.46 15.47
C VAL A 399 -9.17 12.94 15.58
N ASP A 400 -8.47 13.32 16.64
CA ASP A 400 -8.18 14.73 16.91
C ASP A 400 -6.65 14.91 17.00
N PHE A 401 -6.06 15.42 15.93
CA PHE A 401 -4.62 15.58 15.81
C PHE A 401 -4.32 16.98 15.30
N PHE A 402 -3.24 17.58 15.81
CA PHE A 402 -2.93 18.97 15.50
C PHE A 402 -1.45 19.15 15.23
N LYS A 403 -1.14 20.26 14.54
CA LYS A 403 0.23 20.72 14.35
C LYS A 403 0.27 22.21 14.68
N THR A 404 1.17 22.60 15.58
CA THR A 404 1.22 23.96 16.10
C THR A 404 -0.18 24.43 16.49
N GLY A 405 -0.88 23.57 17.23
CA GLY A 405 -2.23 23.87 17.67
C GLY A 405 -3.28 23.86 16.59
N LYS A 406 -2.92 23.45 15.36
CA LYS A 406 -3.82 23.55 14.22
C LYS A 406 -4.19 22.14 13.73
N LYS A 407 -5.50 21.98 13.66
CA LYS A 407 -6.18 20.76 13.21
C LYS A 407 -5.58 20.18 11.94
N ILE A 408 -5.65 18.86 11.89
CA ILE A 408 -5.13 18.03 10.83
C ILE A 408 -6.19 16.98 10.54
N HIS A 409 -6.78 17.07 9.36
CA HIS A 409 -7.79 16.08 8.98
C HIS A 409 -7.15 14.81 8.45
N HIS A 410 -6.02 14.93 7.74
CA HIS A 410 -5.31 13.77 7.22
C HIS A 410 -4.13 13.42 8.13
N TYR A 411 -4.45 12.88 9.30
CA TYR A 411 -3.39 12.49 10.23
C TYR A 411 -2.68 11.20 9.81
N THR A 412 -3.27 10.45 8.88
CA THR A 412 -2.60 9.31 8.26
C THR A 412 -3.16 9.17 6.84
N MET A 413 -2.28 8.93 5.88
CA MET A 413 -2.67 8.82 4.48
C MET A 413 -2.00 7.60 3.86
N PRO A 414 -2.38 6.40 4.31
CA PRO A 414 -1.85 5.18 3.69
C PRO A 414 -2.60 4.76 2.44
N TRP A 415 -3.75 5.38 2.15
CA TRP A 415 -4.56 5.01 1.01
C TRP A 415 -4.57 6.04 -0.12
N GLY A 416 -4.14 7.27 0.14
CA GLY A 416 -4.24 8.32 -0.85
C GLY A 416 -5.33 9.31 -0.50
N SER A 417 -5.89 9.96 -1.52
CA SER A 417 -6.98 10.91 -1.29
C SER A 417 -7.65 11.23 -2.62
N GLY A 418 -8.84 11.81 -2.53
CA GLY A 418 -9.58 12.13 -3.74
C GLY A 418 -10.06 10.86 -4.42
N VAL A 419 -9.99 10.85 -5.76
CA VAL A 419 -10.41 9.70 -6.54
C VAL A 419 -9.21 8.81 -6.87
N SER A 420 -8.08 9.05 -6.20
CA SER A 420 -6.96 8.13 -6.24
C SER A 420 -6.96 7.17 -5.06
N ILE A 421 -7.79 7.45 -4.04
CA ILE A 421 -7.79 6.65 -2.82
C ILE A 421 -8.08 5.20 -3.14
N CYS A 422 -7.32 4.31 -2.49
CA CYS A 422 -7.51 2.88 -2.61
C CYS A 422 -8.98 2.50 -2.42
N PRO A 423 -9.67 2.06 -3.47
CA PRO A 423 -11.08 1.66 -3.32
C PRO A 423 -11.28 0.30 -2.68
N GLY A 424 -10.20 -0.41 -2.34
CA GLY A 424 -10.31 -1.68 -1.66
C GLY A 424 -9.78 -1.62 -0.25
N ARG A 425 -9.67 -0.40 0.29
CA ARG A 425 -9.08 -0.23 1.62
C ARG A 425 -9.91 -0.93 2.68
N PHE A 426 -11.24 -0.83 2.60
CA PHE A 426 -12.08 -1.48 3.59
C PHE A 426 -11.95 -3.00 3.52
N PHE A 427 -11.77 -3.54 2.31
CA PHE A 427 -11.50 -4.97 2.20
C PHE A 427 -10.12 -5.31 2.76
N ALA A 428 -9.10 -4.55 2.35
CA ALA A 428 -7.75 -4.80 2.84
C ALA A 428 -7.73 -4.82 4.37
N LEU A 429 -8.45 -3.90 5.00
CA LEU A 429 -8.50 -3.89 6.46
C LEU A 429 -9.15 -5.17 7.00
N SER A 430 -10.24 -5.61 6.37
CA SER A 430 -10.85 -6.88 6.76
C SER A 430 -9.85 -8.02 6.64
N GLU A 431 -9.07 -8.05 5.55
CA GLU A 431 -8.07 -9.10 5.38
C GLU A 431 -7.06 -9.08 6.52
N VAL A 432 -6.52 -7.91 6.84
CA VAL A 432 -5.44 -7.84 7.81
C VAL A 432 -5.95 -8.15 9.21
N LYS A 433 -7.08 -7.55 9.59
CA LYS A 433 -7.63 -7.81 10.92
C LYS A 433 -7.98 -9.29 11.08
N LEU A 434 -8.72 -9.85 10.12
CA LEU A 434 -9.01 -11.28 10.18
C LEU A 434 -7.74 -12.10 10.35
N PHE A 435 -6.73 -11.83 9.54
CA PHE A 435 -5.47 -12.59 9.63
C PHE A 435 -4.90 -12.51 11.04
N ILE A 436 -4.75 -11.30 11.56
CA ILE A 436 -4.21 -11.12 12.91
C ILE A 436 -4.99 -11.98 13.90
N LEU A 437 -6.31 -11.76 13.97
CA LEU A 437 -7.14 -12.46 14.94
C LEU A 437 -6.87 -13.96 14.94
N LEU A 438 -6.95 -14.59 13.76
CA LEU A 438 -6.70 -16.02 13.69
C LEU A 438 -5.30 -16.36 14.17
N MET A 439 -4.31 -15.53 13.84
CA MET A 439 -2.94 -15.83 14.24
C MET A 439 -2.78 -15.76 15.75
N VAL A 440 -3.10 -14.60 16.34
CA VAL A 440 -2.91 -14.45 17.78
C VAL A 440 -3.84 -15.36 18.56
N THR A 441 -4.99 -15.72 17.98
CA THR A 441 -5.96 -16.52 18.73
C THR A 441 -5.55 -17.98 18.81
N HIS A 442 -5.26 -18.62 17.69
CA HIS A 442 -5.07 -20.06 17.69
C HIS A 442 -3.62 -20.53 17.75
N PHE A 443 -2.65 -19.64 17.71
CA PHE A 443 -1.25 -20.04 17.69
C PHE A 443 -0.50 -19.47 18.89
N ASP A 444 0.63 -20.12 19.19
CA ASP A 444 1.62 -19.60 20.12
C ASP A 444 2.72 -18.93 19.30
N LEU A 445 2.98 -17.66 19.45
CA LEU A 445 3.97 -17.03 18.61
C LEU A 445 5.21 -16.58 19.33
N GLU A 446 6.36 -16.65 18.70
CA GLU A 446 7.58 -16.26 19.33
C GLU A 446 8.56 -15.88 18.28
N LEU A 447 9.42 -14.92 18.54
CA LEU A 447 10.38 -14.57 17.57
C LEU A 447 11.62 -15.33 17.88
N VAL A 448 12.30 -15.81 16.87
CA VAL A 448 13.51 -16.54 17.11
C VAL A 448 14.61 -15.74 17.74
N ASP A 449 14.80 -14.49 17.36
CA ASP A 449 15.82 -13.69 17.97
C ASP A 449 15.09 -12.45 18.44
N PRO A 450 14.32 -12.55 19.50
CA PRO A 450 13.59 -11.36 19.97
C PRO A 450 14.45 -10.19 20.39
N ASP A 451 15.64 -10.44 20.92
CA ASP A 451 16.57 -9.42 21.24
C ASP A 451 17.02 -8.54 20.06
N THR A 452 17.25 -9.12 18.88
CA THR A 452 17.65 -8.35 17.74
C THR A 452 16.53 -7.41 17.45
N PRO A 453 16.86 -6.15 17.20
CA PRO A 453 15.78 -5.20 16.92
C PRO A 453 15.20 -5.38 15.55
N LEU A 454 14.02 -4.81 15.41
CA LEU A 454 13.26 -4.89 14.19
C LEU A 454 13.97 -4.41 12.98
N PRO A 455 13.72 -5.06 11.87
CA PRO A 455 14.27 -4.59 10.59
C PRO A 455 13.72 -3.21 10.25
N HIS A 456 14.57 -2.36 9.70
CA HIS A 456 14.14 -1.04 9.26
C HIS A 456 13.60 -1.15 7.84
N VAL A 457 13.18 -0.03 7.28
CA VAL A 457 12.57 -0.01 5.96
C VAL A 457 13.64 -0.18 4.89
N ASP A 458 13.35 -0.99 3.89
CA ASP A 458 14.19 -1.08 2.71
C ASP A 458 14.06 0.23 1.92
N PRO A 459 15.08 1.08 1.87
CA PRO A 459 14.90 2.40 1.24
C PRO A 459 14.57 2.33 -0.23
N GLN A 460 14.92 1.25 -0.91
CA GLN A 460 14.62 1.12 -2.33
C GLN A 460 13.15 1.37 -2.63
N ARG A 461 12.27 1.11 -1.67
CA ARG A 461 10.84 1.11 -1.90
C ARG A 461 10.14 2.38 -1.45
N TRP A 462 10.83 3.27 -0.77
CA TRP A 462 10.23 4.46 -0.26
C TRP A 462 9.33 5.00 -1.31
N GLY A 463 8.10 5.31 -1.00
CA GLY A 463 7.19 5.78 -2.01
C GLY A 463 6.31 4.79 -2.71
N PHE A 464 6.50 3.51 -2.53
CA PHE A 464 5.72 2.54 -3.22
C PHE A 464 4.74 1.78 -2.34
N GLY A 465 3.87 2.47 -1.64
CA GLY A 465 2.90 1.79 -0.82
C GLY A 465 3.37 1.35 0.53
N THR A 466 3.13 0.11 0.88
CA THR A 466 3.60 -0.42 2.16
C THR A 466 5.04 -0.91 2.04
N MET A 467 5.87 -0.52 3.00
CA MET A 467 7.29 -0.85 2.95
C MET A 467 7.52 -2.33 3.27
N GLN A 468 8.72 -2.80 2.94
CA GLN A 468 9.15 -4.17 3.13
C GLN A 468 10.48 -4.19 3.83
N PRO A 469 10.73 -5.18 4.68
CA PRO A 469 11.85 -5.07 5.63
C PRO A 469 13.21 -5.23 4.97
N SER A 470 14.21 -4.61 5.61
CA SER A 470 15.57 -4.67 5.09
C SER A 470 16.16 -6.07 5.22
N HIS A 471 15.78 -6.80 6.26
CA HIS A 471 16.16 -8.19 6.42
C HIS A 471 14.99 -8.94 7.03
N ASP A 472 15.01 -10.25 6.87
CA ASP A 472 13.88 -11.09 7.25
C ASP A 472 13.99 -11.52 8.69
N VAL A 473 12.85 -11.77 9.32
CA VAL A 473 12.75 -12.11 10.73
C VAL A 473 12.25 -13.54 10.85
N ARG A 474 12.98 -14.37 11.57
CA ARG A 474 12.57 -15.74 11.85
C ARG A 474 11.67 -15.76 13.08
N PHE A 475 10.67 -16.63 13.03
CA PHE A 475 9.74 -16.84 14.13
C PHE A 475 9.33 -18.29 14.21
N ARG A 476 8.64 -18.66 15.28
CA ARG A 476 8.19 -20.02 15.45
C ARG A 476 6.78 -19.98 15.93
N TYR A 477 6.00 -21.02 15.62
CA TYR A 477 4.61 -21.07 16.03
C TYR A 477 4.14 -22.48 16.21
N ARG A 478 3.00 -22.64 16.86
CA ARG A 478 2.39 -23.93 17.05
C ARG A 478 0.98 -23.76 17.50
N LEU A 479 0.15 -24.78 17.30
CA LEU A 479 -1.22 -24.72 17.77
C LEU A 479 -1.24 -24.64 19.30
N HIS A 480 -2.18 -23.85 19.83
CA HIS A 480 -2.23 -23.60 21.26
C HIS A 480 -2.63 -24.88 22.01
CHA HEM B . -4.61 2.29 -5.07
CHB HEM B . -2.68 1.22 -0.76
CHC HEM B . -5.22 -2.95 -0.68
CHD HEM B . -7.13 -1.85 -4.99
C1A HEM B . -3.89 2.34 -3.90
C2A HEM B . -3.06 3.42 -3.53
C3A HEM B . -2.52 3.12 -2.32
C4A HEM B . -3.00 1.87 -1.94
CMA HEM B . -1.57 3.99 -1.54
CAA HEM B . -2.82 4.67 -4.33
CBA HEM B . -3.42 5.86 -3.59
CGA HEM B . -3.28 7.11 -4.45
O1A HEM B . -3.51 8.23 -3.95
O2A HEM B . -2.94 7.00 -5.64
C1B HEM B . -3.24 -0.01 -0.41
C2B HEM B . -2.90 -0.64 0.82
C3B HEM B . -3.59 -1.81 0.88
C4B HEM B . -4.38 -1.88 -0.38
CMB HEM B . -1.95 -0.12 1.87
CAB HEM B . -3.57 -2.82 1.96
CBB HEM B . -2.80 -2.62 3.03
C1C HEM B . -5.98 -3.01 -1.83
C2C HEM B . -6.87 -4.03 -2.16
C3C HEM B . -7.42 -3.72 -3.40
C4C HEM B . -6.84 -2.49 -3.81
CMC HEM B . -7.18 -5.26 -1.33
CAC HEM B . -8.41 -4.51 -4.13
CBC HEM B . -8.87 -5.65 -3.63
C1D HEM B . -6.57 -0.62 -5.31
C2D HEM B . -6.92 0.05 -6.58
C3D HEM B . -6.22 1.19 -6.60
C4D HEM B . -5.45 1.23 -5.36
CMD HEM B . -7.88 -0.45 -7.63
CAD HEM B . -6.24 2.24 -7.68
CBD HEM B . -7.27 3.32 -7.35
CGD HEM B . -7.61 4.10 -8.59
O1D HEM B . -7.86 5.31 -8.51
O2D HEM B . -7.63 3.53 -9.71
NA HEM B . -3.83 1.38 -2.91
NB HEM B . -4.12 -0.76 -1.08
NC HEM B . -5.95 -2.10 -2.85
ND HEM B . -5.70 0.13 -4.62
FE HEM B . -4.94 -0.27 -2.97
HHB HEM B . -1.98 1.70 -0.07
HHC HEM B . -5.31 -3.76 0.05
HHD HEM B . -7.84 -2.31 -5.67
HAB HEM B . -4.17 -3.70 1.88
HAC HEM B . -8.77 -4.16 -5.10
HHA HEM B . -4.53 3.13 -5.77
C10 WOL C . 5.83 5.45 -9.18
C13 WOL C . 7.32 7.56 -9.93
C15 WOL C . 7.83 7.18 -5.98
C17 WOL C . 9.07 8.38 -7.86
C22 WOL C . 7.67 8.54 -11.12
C24 WOL C . 9.35 9.83 -12.59
C01 WOL C . 3.23 2.95 -11.43
C02 WOL C . 2.49 2.33 -10.11
C03 WOL C . 2.97 2.85 -8.69
C04 WOL C . 3.79 3.98 -8.35
C05 WOL C . 4.34 4.87 -9.59
C06 WOL C . 4.42 4.05 -11.03
C07 WOL C . 4.10 4.26 -6.77
C08 WOL C . 5.48 5.11 -6.50
C09 WOL C . 5.72 6.22 -7.70
C11 WOL C . 7.26 6.74 -7.47
C12 WOL C . 7.58 8.04 -8.41
C14 WOL C . 6.41 6.49 -10.29
C16 WOL C . 9.36 7.59 -6.45
C18 WOL C . 6.72 9.41 -8.05
C19 WOL C . 3.33 6.17 -9.82
C23 WOL C . 9.10 8.90 -11.45
C25 WOL C . 8.18 10.39 -13.35
C27 WOL C . 6.53 9.12 -11.88
N26 WOL C . 6.78 10.05 -12.99
O20 WOL C . 1.46 1.36 -10.19
O21 WOL C . 9.95 9.25 -8.49
H101 WOL C . 6.52 4.61 -9.09
H151 WOL C . 7.29 8.02 -5.58
H152 WOL C . 7.84 6.33 -5.29
H241 WOL C . 10.36 10.11 -12.86
H011 WOL C . 3.74 2.11 -11.90
H012 WOL C . 2.47 3.52 -11.94
H031 WOL C . 2.54 2.18 -7.97
H061 WOL C . 5.33 3.45 -10.95
H062 WOL C . 4.33 4.83 -11.79
H072 WOL C . 3.26 4.83 -6.36
H071 WOL C . 4.16 3.32 -6.25
H081 WOL C . 5.40 5.63 -5.55
H082 WOL C . 6.32 4.44 -6.47
H091 WOL C . 4.99 7.02 -7.70
H111 WOL C . 7.91 5.94 -7.81
H4 WOL C . 6.30 6.24 -11.33
H162 WOL C . 9.39 6.51 -6.61
H161 WOL C . 10.28 7.94 -6.00
H181 WOL C . 6.15 9.26 -7.14
H182 WOL C . 6.03 9.62 -8.87
H183 WOL C . 7.39 10.24 -7.92
H192 WOL C . 3.15 6.65 -8.86
H191 WOL C . 2.38 5.81 -10.22
H193 WOL C . 3.78 6.86 -10.51
H231 WOL C . 9.92 8.47 -10.89
H251 WOL C . 8.35 11.08 -14.17
H271 WOL C . 5.51 8.86 -11.62
#